data_6P6Q
#
_entry.id   6P6Q
#
_cell.length_a   49.750
_cell.length_b   58.968
_cell.length_c   65.891
_cell.angle_alpha   90.00
_cell.angle_beta   100.27
_cell.angle_gamma   90.00
#
_symmetry.space_group_name_H-M   'P 1 21 1'
#
loop_
_entity.id
_entity.type
_entity.pdbx_description
1 polymer 'Non-structural protein 4A,Serine protease NS3'
2 non-polymer '(1aR,5S,8S,10R,22aR)-5-tert-butyl-N-{(1R,2S)-1-[(cyclopropylsulfonyl)carbamoyl]-2-ethenylcyclopropyl}-14-methoxy-3,6-di oxo-1,1a,3,4,5,6,9,10,18,19,20,21,22,22a-tetradecahydro-8H-7,10-methanocyclopropa[18,19][1,10,3,6]dioxadiazacyclononadec ino[11,12-b]quinoxaline-8-carboxamide'
3 non-polymer 'ZINC ION'
4 non-polymer '2-(N-MORPHOLINO)-ETHANESULFONIC ACID'
5 non-polymer 'SULFATE ION'
6 water water
#
_entity_poly.entity_id   1
_entity_poly.type   'polypeptide(L)'
_entity_poly.pdbx_seq_one_letter_code
;GSHMASMKKKGSVVIVGRINLSGDTAYAQQTRGEEGCQETSQTGRDKNQVEGEVQIVSTATQTFLATSINGVLWTVYHGA
GTRTIASPKGPVTQMYTNVDKDLVGWQAPQGSRSLTPCTCGSSDLYLVTRHADVIPVRRRGDSTGSLLSPRPLSYLKGSS
GGPLLCPAGHAVGIFRAAVSTRGVAKAVQFIPVESLETTMRSP
;
_entity_poly.pdbx_strand_id   A,B
#
loop_
_chem_comp.id
_chem_comp.type
_chem_comp.name
_chem_comp.formula
MES non-polymer '2-(N-MORPHOLINO)-ETHANESULFONIC ACID' 'C6 H13 N O4 S'
SO4 non-polymer 'SULFATE ION' 'O4 S -2'
SUE non-polymer '(1aR,5S,8S,10R,22aR)-5-tert-butyl-N-{(1R,2S)-1-[(cyclopropylsulfonyl)carbamoyl]-2-ethenylcyclopropyl}-14-methoxy-3,6-di oxo-1,1a,3,4,5,6,9,10,18,19,20,21,22,22a-tetradecahydro-8H-7,10-methanocyclopropa[18,19][1,10,3,6]dioxadiazacyclononadec ino[11,12-b]quinoxaline-8-carboxamide' 'C38 H50 N6 O9 S'
ZN non-polymer 'ZINC ION' 'Zn 2'
#
# COMPACT_ATOMS: atom_id res chain seq x y z
N MET A 4 -22.53 23.85 18.99
CA MET A 4 -21.92 23.58 17.70
C MET A 4 -20.41 23.35 17.83
N ALA A 5 -19.84 23.82 18.95
CA ALA A 5 -18.46 23.49 19.27
C ALA A 5 -18.35 22.10 19.86
N SER A 6 -19.31 21.73 20.71
CA SER A 6 -19.39 20.39 21.29
C SER A 6 -20.15 19.45 20.36
N MET A 7 -19.60 19.29 19.16
CA MET A 7 -20.13 18.41 18.14
C MET A 7 -19.11 17.32 17.85
N LYS A 8 -19.58 16.24 17.23
CA LYS A 8 -18.71 15.11 16.91
C LYS A 8 -18.80 14.80 15.42
N LYS A 9 -18.22 13.67 15.01
CA LYS A 9 -18.20 13.29 13.60
C LYS A 9 -18.16 11.77 13.53
N LYS A 10 -18.88 11.21 12.55
CA LYS A 10 -18.93 9.76 12.39
C LYS A 10 -17.56 9.24 11.99
N GLY A 11 -16.92 8.51 12.91
CA GLY A 11 -15.57 8.01 12.70
C GLY A 11 -15.39 7.24 11.40
N SER A 12 -14.18 6.75 11.18
CA SER A 12 -13.83 6.03 9.97
C SER A 12 -14.18 4.55 10.09
N VAL A 13 -14.22 3.88 8.94
CA VAL A 13 -14.35 2.43 8.91
C VAL A 13 -12.99 1.82 9.26
N VAL A 14 -13.00 0.83 10.15
CA VAL A 14 -11.78 0.26 10.70
C VAL A 14 -11.69 -1.21 10.31
N ILE A 15 -10.49 -1.64 9.92
CA ILE A 15 -10.24 -3.03 9.60
C ILE A 15 -9.96 -3.77 10.91
N VAL A 16 -10.84 -4.71 11.26
CA VAL A 16 -10.74 -5.45 12.50
C VAL A 16 -10.29 -6.89 12.30
N GLY A 17 -10.13 -7.33 11.05
CA GLY A 17 -9.70 -8.68 10.80
C GLY A 17 -9.59 -9.01 9.32
N ARG A 18 -9.82 -10.27 8.97
CA ARG A 18 -9.77 -10.70 7.57
C ARG A 18 -10.32 -12.12 7.49
N ILE A 19 -10.66 -12.51 6.27
CA ILE A 19 -11.02 -13.89 5.95
C ILE A 19 -9.86 -14.48 5.17
N ASN A 20 -9.07 -15.33 5.82
CA ASN A 20 -7.90 -15.92 5.18
C ASN A 20 -8.34 -17.03 4.24
N LEU A 21 -7.83 -16.98 3.00
CA LEU A 21 -8.19 -17.94 1.97
C LEU A 21 -6.99 -18.48 1.20
N SER A 22 -5.77 -18.12 1.58
CA SER A 22 -4.59 -18.37 0.77
C SER A 22 -3.92 -19.70 1.07
N GLY A 23 -4.61 -20.63 1.70
CA GLY A 23 -4.03 -21.90 2.07
C GLY A 23 -5.03 -23.03 2.05
N ASP A 24 -4.78 -24.05 2.86
CA ASP A 24 -5.64 -25.23 2.92
C ASP A 24 -7.10 -24.85 3.05
N THR A 25 -7.46 -24.19 4.16
CA THR A 25 -8.84 -23.92 4.49
C THR A 25 -9.06 -22.41 4.63
N ALA A 26 -10.34 -22.04 4.63
CA ALA A 26 -10.75 -20.66 4.85
C ALA A 26 -11.15 -20.50 6.31
N TYR A 27 -10.63 -19.45 6.94
CA TYR A 27 -10.91 -19.20 8.36
C TYR A 27 -10.73 -17.72 8.64
N ALA A 28 -11.56 -17.19 9.54
CA ALA A 28 -11.54 -15.78 9.88
C ALA A 28 -10.51 -15.51 10.98
N GLN A 29 -9.75 -14.43 10.80
CA GLN A 29 -8.77 -13.99 11.77
C GLN A 29 -9.14 -12.61 12.28
N GLN A 30 -9.10 -12.43 13.60
CA GLN A 30 -9.28 -11.11 14.19
C GLN A 30 -7.93 -10.42 14.33
N THR A 31 -7.93 -9.11 14.14
CA THR A 31 -6.72 -8.31 14.20
C THR A 31 -6.81 -7.12 15.15
N ARG A 32 -8.02 -6.66 15.49
CA ARG A 32 -8.19 -5.54 16.41
C ARG A 32 -9.40 -5.82 17.29
N GLY A 33 -9.24 -5.59 18.59
CA GLY A 33 -10.32 -5.80 19.53
C GLY A 33 -11.42 -4.76 19.36
N GLU A 34 -12.43 -4.88 20.23
CA GLU A 34 -13.54 -3.92 20.21
C GLU A 34 -13.12 -2.58 20.81
N GLU A 35 -12.38 -2.60 21.92
CA GLU A 35 -11.91 -1.36 22.52
C GLU A 35 -10.90 -0.65 21.63
N GLY A 36 -10.12 -1.41 20.85
CA GLY A 36 -9.16 -0.83 19.94
C GLY A 36 -9.82 -0.27 18.69
N CYS A 37 -10.76 -1.02 18.12
CA CYS A 37 -11.47 -0.55 16.95
C CYS A 37 -12.26 0.72 17.27
N GLN A 38 -12.86 0.80 18.46
CA GLN A 38 -13.56 2.00 18.87
C GLN A 38 -12.63 3.21 18.91
N GLU A 39 -11.32 2.99 19.03
CA GLU A 39 -10.36 4.08 19.04
C GLU A 39 -9.83 4.38 17.63
N THR A 40 -9.44 3.34 16.90
CA THR A 40 -8.94 3.53 15.54
C THR A 40 -9.98 4.19 14.64
N SER A 41 -11.26 4.10 15.00
CA SER A 41 -12.30 4.80 14.25
C SER A 41 -12.38 6.28 14.64
N GLN A 42 -11.97 6.61 15.86
CA GLN A 42 -12.00 8.00 16.31
C GLN A 42 -10.77 8.77 15.85
N THR A 43 -9.66 8.09 15.61
CA THR A 43 -8.43 8.72 15.15
C THR A 43 -8.23 8.55 13.65
N GLY A 44 -8.42 7.34 13.13
CA GLY A 44 -8.12 7.03 11.75
C GLY A 44 -6.72 6.51 11.51
N ARG A 45 -5.85 6.56 12.52
CA ARG A 45 -4.48 6.09 12.39
C ARG A 45 -4.45 4.59 12.64
N ASP A 46 -4.47 3.81 11.56
CA ASP A 46 -4.39 2.35 11.64
C ASP A 46 -2.97 1.94 11.29
N LYS A 47 -2.24 1.42 12.28
CA LYS A 47 -0.86 1.01 12.08
C LYS A 47 -0.73 -0.43 11.61
N ASN A 48 -1.67 -1.30 11.99
CA ASN A 48 -1.59 -2.71 11.62
C ASN A 48 -1.58 -2.85 10.10
N GLN A 49 -0.57 -3.55 9.59
CA GLN A 49 -0.46 -3.78 8.16
C GLN A 49 -1.61 -4.66 7.68
N VAL A 50 -1.82 -4.67 6.36
CA VAL A 50 -2.91 -5.39 5.73
C VAL A 50 -2.35 -6.59 4.97
N GLU A 51 -3.08 -7.69 5.01
CA GLU A 51 -2.77 -8.86 4.20
C GLU A 51 -4.08 -9.49 3.72
N GLY A 52 -4.02 -10.10 2.55
CA GLY A 52 -5.15 -10.87 2.03
C GLY A 52 -6.05 -10.07 1.12
N GLU A 53 -7.19 -10.69 0.81
CA GLU A 53 -8.16 -10.13 -0.12
C GLU A 53 -9.42 -9.65 0.59
N VAL A 54 -10.04 -10.49 1.41
CA VAL A 54 -11.28 -10.16 2.10
C VAL A 54 -10.94 -9.64 3.49
N GLN A 55 -11.43 -8.45 3.81
CA GLN A 55 -11.22 -7.84 5.12
C GLN A 55 -12.53 -7.75 5.87
N ILE A 56 -12.46 -7.83 7.19
CA ILE A 56 -13.61 -7.63 8.06
C ILE A 56 -13.53 -6.21 8.61
N VAL A 57 -14.56 -5.41 8.34
CA VAL A 57 -14.57 -4.00 8.72
C VAL A 57 -15.72 -3.75 9.69
N SER A 58 -15.58 -2.70 10.48
CA SER A 58 -16.57 -2.36 11.48
C SER A 58 -16.63 -0.84 11.64
N THR A 59 -17.83 -0.35 11.90
CA THR A 59 -18.05 1.00 12.38
C THR A 59 -18.40 0.94 13.86
N ALA A 60 -18.60 2.11 14.48
CA ALA A 60 -18.92 2.15 15.89
C ALA A 60 -20.24 1.46 16.21
N THR A 61 -21.05 1.13 15.21
CA THR A 61 -22.37 0.54 15.44
C THR A 61 -22.67 -0.69 14.59
N GLN A 62 -21.93 -0.94 13.51
CA GLN A 62 -22.21 -2.05 12.62
C GLN A 62 -20.90 -2.75 12.28
N THR A 63 -21.02 -3.83 11.49
CA THR A 63 -19.87 -4.61 11.09
C THR A 63 -20.23 -5.39 9.83
N PHE A 64 -19.28 -5.47 8.91
CA PHE A 64 -19.50 -6.11 7.62
C PHE A 64 -18.14 -6.44 7.01
N LEU A 65 -18.12 -6.73 5.71
CA LEU A 65 -16.91 -7.14 5.02
C LEU A 65 -16.54 -6.13 3.94
N ALA A 66 -15.34 -6.31 3.39
CA ALA A 66 -14.85 -5.48 2.29
C ALA A 66 -13.88 -6.33 1.47
N THR A 67 -14.04 -6.30 0.16
CA THR A 67 -13.26 -7.14 -0.75
C THR A 67 -12.41 -6.26 -1.67
N SER A 68 -11.15 -6.65 -1.83
CA SER A 68 -10.23 -5.93 -2.70
C SER A 68 -10.25 -6.53 -4.09
N ILE A 69 -10.46 -5.68 -5.10
CA ILE A 69 -10.55 -6.13 -6.48
C ILE A 69 -9.98 -5.04 -7.38
N ASN A 70 -9.12 -5.44 -8.32
CA ASN A 70 -8.53 -4.52 -9.29
C ASN A 70 -7.84 -3.35 -8.59
N GLY A 71 -7.26 -3.59 -7.42
CA GLY A 71 -6.55 -2.56 -6.69
C GLY A 71 -7.44 -1.59 -5.96
N VAL A 72 -8.66 -1.99 -5.61
CA VAL A 72 -9.60 -1.13 -4.88
C VAL A 72 -10.31 -1.98 -3.84
N LEU A 73 -10.39 -1.48 -2.61
CA LEU A 73 -11.09 -2.16 -1.52
C LEU A 73 -12.56 -1.75 -1.58
N TRP A 74 -13.39 -2.59 -2.18
CA TRP A 74 -14.81 -2.31 -2.31
C TRP A 74 -15.57 -2.79 -1.09
N THR A 75 -16.66 -2.09 -0.78
CA THR A 75 -17.63 -2.56 0.20
C THR A 75 -18.98 -1.97 -0.17
N VAL A 76 -19.90 -1.92 0.78
CA VAL A 76 -21.29 -1.54 0.51
C VAL A 76 -21.60 -0.24 1.25
N TYR A 77 -22.48 0.57 0.64
CA TYR A 77 -22.77 1.89 1.18
C TYR A 77 -23.57 1.81 2.46
N HIS A 78 -24.59 0.94 2.51
CA HIS A 78 -25.46 0.89 3.68
C HIS A 78 -24.74 0.42 4.94
N GLY A 79 -23.48 -0.01 4.82
CA GLY A 79 -22.69 -0.34 5.98
C GLY A 79 -21.63 0.71 6.27
N ALA A 80 -21.09 1.30 5.20
CA ALA A 80 -20.01 2.27 5.32
C ALA A 80 -20.49 3.71 5.19
N GLY A 81 -21.42 3.99 4.27
CA GLY A 81 -21.80 5.36 4.01
C GLY A 81 -20.66 6.10 3.33
N THR A 82 -20.57 7.40 3.64
CA THR A 82 -19.48 8.24 3.15
C THR A 82 -18.31 8.29 4.13
N ARG A 83 -18.20 7.31 5.03
CA ARG A 83 -17.14 7.32 6.02
C ARG A 83 -15.78 7.09 5.37
N THR A 84 -14.75 7.61 6.01
CA THR A 84 -13.37 7.33 5.61
C THR A 84 -12.95 5.97 6.16
N ILE A 85 -11.73 5.55 5.82
CA ILE A 85 -11.16 4.31 6.32
C ILE A 85 -9.85 4.63 7.01
N ALA A 86 -9.56 3.90 8.09
CA ALA A 86 -8.35 4.15 8.88
C ALA A 86 -7.14 3.57 8.16
N SER A 87 -6.19 4.44 7.83
CA SER A 87 -4.95 4.06 7.18
C SER A 87 -3.77 4.53 8.01
N PRO A 88 -2.58 3.98 7.76
CA PRO A 88 -1.39 4.48 8.48
C PRO A 88 -1.22 5.98 8.39
N LYS A 89 -1.59 6.58 7.27
CA LYS A 89 -1.49 8.03 7.06
C LYS A 89 -2.81 8.73 7.35
N GLY A 90 -3.56 8.26 8.34
CA GLY A 90 -4.81 8.89 8.72
C GLY A 90 -5.98 8.40 7.91
N PRO A 91 -7.13 9.08 8.01
CA PRO A 91 -8.30 8.69 7.23
C PRO A 91 -8.02 8.84 5.73
N VAL A 92 -8.85 8.14 4.94
CA VAL A 92 -8.67 8.09 3.49
C VAL A 92 -10.04 8.21 2.84
N THR A 93 -10.19 9.19 1.96
CA THR A 93 -11.46 9.42 1.29
C THR A 93 -11.72 8.34 0.26
N GLN A 94 -12.99 7.94 0.14
CA GLN A 94 -13.36 6.98 -0.89
C GLN A 94 -13.15 7.59 -2.27
N MET A 95 -12.59 6.79 -3.18
CA MET A 95 -12.45 7.20 -4.57
C MET A 95 -13.61 6.73 -5.43
N TYR A 96 -14.60 6.05 -4.85
CA TYR A 96 -15.81 5.66 -5.55
C TYR A 96 -16.95 5.64 -4.56
N THR A 97 -18.06 6.30 -4.90
CA THR A 97 -19.26 6.30 -4.06
C THR A 97 -20.46 6.37 -4.97
N ASN A 98 -21.29 5.32 -4.95
CA ASN A 98 -22.47 5.23 -5.81
C ASN A 98 -23.60 4.63 -4.99
N VAL A 99 -24.45 5.51 -4.42
CA VAL A 99 -25.54 5.03 -3.57
C VAL A 99 -26.58 4.29 -4.39
N ASP A 100 -26.78 4.68 -5.66
CA ASP A 100 -27.71 3.97 -6.52
C ASP A 100 -27.33 2.50 -6.64
N LYS A 101 -26.04 2.18 -6.53
CA LYS A 101 -25.57 0.80 -6.55
C LYS A 101 -25.32 0.25 -5.15
N ASP A 102 -25.28 1.10 -4.13
CA ASP A 102 -24.92 0.67 -2.77
C ASP A 102 -23.46 0.22 -2.75
N LEU A 103 -22.59 1.08 -3.26
CA LEU A 103 -21.20 0.71 -3.51
C LEU A 103 -20.28 1.85 -3.13
N VAL A 104 -19.14 1.49 -2.51
CA VAL A 104 -18.09 2.45 -2.17
C VAL A 104 -16.76 1.71 -2.29
N GLY A 105 -15.68 2.48 -2.35
CA GLY A 105 -14.37 1.89 -2.54
C GLY A 105 -13.26 2.81 -2.10
N TRP A 106 -12.21 2.21 -1.56
CA TRP A 106 -10.95 2.89 -1.27
C TRP A 106 -9.82 2.21 -2.01
N GLN A 107 -8.74 2.95 -2.23
CA GLN A 107 -7.54 2.37 -2.81
C GLN A 107 -7.05 1.21 -1.94
N ALA A 108 -6.80 0.07 -2.57
CA ALA A 108 -6.38 -1.12 -1.85
C ALA A 108 -5.09 -0.82 -1.07
N PRO A 109 -5.13 -0.83 0.27
CA PRO A 109 -3.91 -0.56 1.03
C PRO A 109 -2.76 -1.45 0.61
N GLN A 110 -1.54 -0.95 0.81
CA GLN A 110 -0.35 -1.72 0.48
C GLN A 110 -0.23 -2.93 1.39
N GLY A 111 0.62 -3.87 0.98
CA GLY A 111 0.73 -5.14 1.65
C GLY A 111 -0.43 -6.08 1.44
N SER A 112 -1.40 -5.70 0.61
CA SER A 112 -2.60 -6.49 0.37
C SER A 112 -2.60 -7.03 -1.04
N ARG A 113 -3.50 -7.98 -1.29
CA ARG A 113 -3.71 -8.56 -2.60
C ARG A 113 -5.14 -8.29 -3.05
N SER A 114 -5.32 -8.12 -4.35
CA SER A 114 -6.61 -7.81 -4.94
C SER A 114 -6.98 -8.90 -5.94
N LEU A 115 -8.15 -9.50 -5.75
CA LEU A 115 -8.66 -10.50 -6.68
C LEU A 115 -8.74 -9.91 -8.08
N THR A 116 -9.06 -10.76 -9.05
CA THR A 116 -9.22 -10.34 -10.43
C THR A 116 -10.58 -10.79 -10.94
N PRO A 117 -11.33 -9.91 -11.62
CA PRO A 117 -12.61 -10.33 -12.18
C PRO A 117 -12.51 -11.62 -12.99
N CYS A 118 -13.46 -12.52 -12.76
CA CYS A 118 -13.52 -13.77 -13.51
C CYS A 118 -13.93 -13.47 -14.95
N THR A 119 -13.12 -13.93 -15.90
CA THR A 119 -13.39 -13.74 -17.32
C THR A 119 -13.70 -15.04 -18.05
N CYS A 120 -13.82 -16.15 -17.32
CA CYS A 120 -14.12 -17.45 -17.90
C CYS A 120 -15.58 -17.84 -17.75
N GLY A 121 -16.43 -16.93 -17.30
CA GLY A 121 -17.85 -17.21 -17.17
C GLY A 121 -18.17 -18.07 -15.96
N SER A 122 -18.72 -17.44 -14.92
CA SER A 122 -19.04 -18.15 -13.70
C SER A 122 -20.37 -18.89 -13.85
N SER A 123 -20.35 -20.18 -13.49
CA SER A 123 -21.55 -21.01 -13.52
C SER A 123 -22.07 -21.31 -12.13
N ASP A 124 -21.24 -21.91 -11.27
CA ASP A 124 -21.61 -22.19 -9.89
C ASP A 124 -20.69 -21.36 -8.98
N LEU A 125 -21.28 -20.38 -8.30
CA LEU A 125 -20.51 -19.46 -7.48
C LEU A 125 -20.33 -20.02 -6.07
N TYR A 126 -19.49 -19.34 -5.29
CA TYR A 126 -19.22 -19.72 -3.91
C TYR A 126 -19.17 -18.44 -3.06
N LEU A 127 -20.08 -18.34 -2.11
CA LEU A 127 -20.21 -17.17 -1.26
C LEU A 127 -19.41 -17.35 0.02
N VAL A 128 -18.54 -16.39 0.31
CA VAL A 128 -17.78 -16.38 1.56
C VAL A 128 -18.53 -15.52 2.56
N THR A 129 -18.76 -16.08 3.75
CA THR A 129 -19.55 -15.41 4.78
C THR A 129 -18.63 -14.75 5.80
N ARG A 130 -19.25 -14.07 6.77
CA ARG A 130 -18.50 -13.42 7.83
C ARG A 130 -17.64 -14.43 8.61
N HIS A 131 -18.12 -15.67 8.74
CA HIS A 131 -17.43 -16.69 9.51
C HIS A 131 -16.60 -17.62 8.64
N ALA A 132 -16.11 -17.12 7.50
CA ALA A 132 -15.24 -17.84 6.58
C ALA A 132 -15.95 -18.99 5.86
N ASP A 133 -17.23 -19.21 6.10
CA ASP A 133 -17.94 -20.29 5.43
C ASP A 133 -18.01 -20.04 3.94
N VAL A 134 -17.91 -21.11 3.16
CA VAL A 134 -17.97 -21.05 1.70
C VAL A 134 -19.25 -21.78 1.29
N ILE A 135 -20.22 -21.01 0.79
CA ILE A 135 -21.57 -21.51 0.53
C ILE A 135 -21.74 -21.65 -0.98
N PRO A 136 -22.03 -22.84 -1.50
CA PRO A 136 -22.33 -22.96 -2.93
C PRO A 136 -23.53 -22.13 -3.32
N VAL A 137 -23.38 -21.35 -4.40
CA VAL A 137 -24.46 -20.56 -4.97
C VAL A 137 -24.59 -20.94 -6.44
N ARG A 138 -25.83 -21.08 -6.91
CA ARG A 138 -26.12 -21.41 -8.30
C ARG A 138 -26.55 -20.14 -9.00
N ARG A 139 -25.65 -19.56 -9.80
CA ARG A 139 -25.93 -18.30 -10.48
C ARG A 139 -27.25 -18.37 -11.25
N ARG A 140 -28.27 -17.70 -10.73
CA ARG A 140 -29.59 -17.69 -11.35
C ARG A 140 -29.93 -16.26 -11.77
N GLY A 141 -29.10 -15.69 -12.62
CA GLY A 141 -29.29 -14.33 -13.07
C GLY A 141 -27.95 -13.69 -13.40
N ASP A 142 -27.97 -12.36 -13.47
CA ASP A 142 -26.74 -11.57 -13.61
C ASP A 142 -26.24 -11.05 -12.28
N SER A 143 -27.14 -10.74 -11.35
CA SER A 143 -26.78 -10.24 -10.03
C SER A 143 -27.46 -11.06 -8.92
N THR A 144 -27.98 -12.23 -9.26
CA THR A 144 -28.70 -13.07 -8.31
C THR A 144 -28.16 -14.48 -8.33
N GLY A 145 -28.39 -15.21 -7.24
CA GLY A 145 -27.94 -16.58 -7.13
C GLY A 145 -28.66 -17.33 -6.03
N SER A 146 -29.31 -18.43 -6.38
CA SER A 146 -30.03 -19.24 -5.40
C SER A 146 -29.06 -20.09 -4.59
N LEU A 147 -29.47 -20.39 -3.36
CA LEU A 147 -28.66 -21.23 -2.47
C LEU A 147 -28.97 -22.70 -2.71
N LEU A 148 -27.92 -23.53 -2.68
CA LEU A 148 -28.12 -24.96 -2.79
C LEU A 148 -28.54 -25.60 -1.47
N SER A 149 -28.16 -24.98 -0.35
CA SER A 149 -28.53 -25.46 0.97
C SER A 149 -29.22 -24.34 1.74
N PRO A 150 -30.42 -24.56 2.27
CA PRO A 150 -31.11 -23.49 2.98
C PRO A 150 -30.57 -23.30 4.39
N ARG A 151 -30.50 -22.03 4.81
CA ARG A 151 -30.01 -21.70 6.14
C ARG A 151 -30.54 -20.33 6.52
N PRO A 152 -30.60 -20.02 7.81
CA PRO A 152 -31.28 -18.79 8.24
C PRO A 152 -30.55 -17.54 7.79
N LEU A 153 -31.32 -16.44 7.70
CA LEU A 153 -30.74 -15.14 7.36
C LEU A 153 -29.69 -14.72 8.38
N SER A 154 -29.80 -15.22 9.62
CA SER A 154 -28.90 -14.78 10.67
C SER A 154 -27.45 -15.12 10.37
N TYR A 155 -27.21 -16.16 9.58
CA TYR A 155 -25.84 -16.55 9.23
C TYR A 155 -25.33 -15.83 7.99
N LEU A 156 -26.13 -14.95 7.40
CA LEU A 156 -25.67 -14.11 6.30
C LEU A 156 -25.56 -12.64 6.67
N LYS A 157 -26.14 -12.23 7.80
CA LYS A 157 -25.99 -10.86 8.27
C LYS A 157 -24.53 -10.56 8.57
N GLY A 158 -24.13 -9.32 8.32
CA GLY A 158 -22.74 -8.94 8.45
C GLY A 158 -21.82 -9.47 7.39
N SER A 159 -22.35 -10.16 6.37
CA SER A 159 -21.55 -10.69 5.29
C SER A 159 -21.57 -9.83 4.04
N SER A 160 -22.45 -8.82 3.98
CA SER A 160 -22.47 -7.91 2.84
C SER A 160 -21.08 -7.32 2.63
N GLY A 161 -20.78 -6.99 1.37
CA GLY A 161 -19.45 -6.58 0.99
C GLY A 161 -18.47 -7.71 0.78
N GLY A 162 -18.88 -8.95 1.06
CA GLY A 162 -18.01 -10.09 0.83
C GLY A 162 -17.99 -10.49 -0.63
N PRO A 163 -17.18 -11.52 -0.93
CA PRO A 163 -17.02 -11.94 -2.32
C PRO A 163 -17.90 -13.11 -2.73
N LEU A 164 -18.26 -13.14 -4.01
CA LEU A 164 -18.80 -14.34 -4.66
C LEU A 164 -17.83 -14.74 -5.76
N LEU A 165 -17.43 -16.00 -5.76
CA LEU A 165 -16.21 -16.41 -6.43
C LEU A 165 -16.47 -17.53 -7.44
N CYS A 166 -15.76 -17.44 -8.58
CA CYS A 166 -15.67 -18.51 -9.57
C CYS A 166 -15.18 -19.78 -8.89
N PRO A 167 -15.42 -20.96 -9.50
CA PRO A 167 -14.76 -22.17 -8.96
C PRO A 167 -13.25 -22.10 -8.99
N ALA A 168 -12.68 -21.23 -9.84
CA ALA A 168 -11.23 -21.03 -9.85
C ALA A 168 -10.79 -20.17 -8.69
N GLY A 169 -11.62 -19.21 -8.28
CA GLY A 169 -11.29 -18.27 -7.22
C GLY A 169 -11.39 -16.82 -7.62
N HIS A 170 -11.65 -16.51 -8.88
CA HIS A 170 -11.84 -15.12 -9.29
C HIS A 170 -13.14 -14.57 -8.71
N ALA A 171 -13.28 -13.25 -8.78
CA ALA A 171 -14.40 -12.55 -8.16
C ALA A 171 -15.48 -12.30 -9.20
N VAL A 172 -16.72 -12.63 -8.83
CA VAL A 172 -17.87 -12.42 -9.71
C VAL A 172 -18.76 -11.28 -9.23
N GLY A 173 -18.74 -10.94 -7.95
CA GLY A 173 -19.56 -9.85 -7.48
C GLY A 173 -19.30 -9.54 -6.02
N ILE A 174 -20.21 -8.76 -5.44
CA ILE A 174 -20.11 -8.31 -4.05
C ILE A 174 -21.47 -8.54 -3.40
N PHE A 175 -21.51 -9.43 -2.41
CA PHE A 175 -22.77 -9.75 -1.74
C PHE A 175 -23.39 -8.48 -1.15
N ARG A 176 -24.62 -8.20 -1.54
CA ARG A 176 -25.30 -6.96 -1.18
C ARG A 176 -26.60 -7.17 -0.43
N ALA A 177 -27.44 -8.11 -0.88
CA ALA A 177 -28.74 -8.32 -0.27
C ALA A 177 -29.11 -9.78 -0.33
N ALA A 178 -30.08 -10.17 0.47
CA ALA A 178 -30.51 -11.55 0.60
C ALA A 178 -32.00 -11.68 0.31
N VAL A 179 -32.37 -12.76 -0.38
CA VAL A 179 -33.77 -13.09 -0.65
C VAL A 179 -34.18 -14.18 0.32
N SER A 180 -35.21 -13.93 1.12
CA SER A 180 -35.58 -14.83 2.20
C SER A 180 -37.09 -14.94 2.29
N THR A 181 -37.55 -16.09 2.79
CA THR A 181 -38.96 -16.34 3.04
C THR A 181 -39.10 -17.06 4.38
N ARG A 182 -39.94 -16.53 5.26
CA ARG A 182 -40.19 -17.12 6.57
C ARG A 182 -38.93 -17.20 7.43
N GLY A 183 -37.95 -16.34 7.15
CA GLY A 183 -36.72 -16.32 7.91
C GLY A 183 -35.65 -17.27 7.43
N VAL A 184 -35.89 -18.01 6.35
CA VAL A 184 -34.92 -18.94 5.79
C VAL A 184 -34.46 -18.37 4.45
N ALA A 185 -33.19 -17.99 4.37
CA ALA A 185 -32.66 -17.41 3.14
C ALA A 185 -32.72 -18.42 2.00
N LYS A 186 -33.34 -18.01 0.89
CA LYS A 186 -33.49 -18.86 -0.27
C LYS A 186 -32.56 -18.50 -1.43
N ALA A 187 -32.23 -17.22 -1.59
CA ALA A 187 -31.35 -16.77 -2.67
C ALA A 187 -30.60 -15.53 -2.20
N VAL A 188 -29.74 -15.01 -3.07
CA VAL A 188 -28.90 -13.85 -2.75
C VAL A 188 -28.80 -12.97 -3.99
N GLN A 189 -28.40 -11.72 -3.75
CA GLN A 189 -28.11 -10.78 -4.82
C GLN A 189 -26.75 -10.15 -4.56
N PHE A 190 -26.08 -9.73 -5.64
CA PHE A 190 -24.73 -9.20 -5.53
C PHE A 190 -24.52 -8.11 -6.57
N ILE A 191 -23.41 -7.39 -6.41
CA ILE A 191 -23.01 -6.35 -7.36
C ILE A 191 -22.12 -7.02 -8.40
N PRO A 192 -22.58 -7.21 -9.64
CA PRO A 192 -21.73 -7.85 -10.65
C PRO A 192 -20.43 -7.09 -10.82
N VAL A 193 -19.32 -7.83 -10.84
CA VAL A 193 -18.00 -7.21 -10.90
C VAL A 193 -17.84 -6.34 -12.14
N GLU A 194 -18.66 -6.57 -13.18
CA GLU A 194 -18.59 -5.71 -14.35
C GLU A 194 -19.02 -4.29 -14.01
N SER A 195 -20.02 -4.14 -13.14
CA SER A 195 -20.43 -2.82 -12.71
C SER A 195 -19.36 -2.13 -11.88
N LEU A 196 -18.57 -2.91 -11.13
CA LEU A 196 -17.38 -2.36 -10.48
C LEU A 196 -16.47 -1.71 -11.51
N GLU A 197 -16.17 -2.43 -12.59
CA GLU A 197 -15.32 -1.89 -13.65
C GLU A 197 -15.92 -0.63 -14.26
N THR A 198 -17.24 -0.64 -14.49
CA THR A 198 -17.89 0.52 -15.08
C THR A 198 -17.75 1.74 -14.19
N THR A 199 -17.90 1.57 -12.87
CA THR A 199 -17.68 2.67 -11.95
C THR A 199 -16.25 3.18 -12.03
N MET A 200 -15.30 2.32 -12.37
CA MET A 200 -13.91 2.73 -12.52
C MET A 200 -13.69 3.40 -13.87
N HIS B 3 -0.76 -24.46 -12.16
CA HIS B 3 0.42 -25.24 -11.80
C HIS B 3 1.44 -24.35 -11.10
N MET B 4 2.66 -24.86 -10.95
CA MET B 4 3.78 -24.09 -10.40
C MET B 4 4.71 -23.62 -11.50
N ALA B 5 4.16 -23.14 -12.60
CA ALA B 5 4.95 -22.67 -13.72
C ALA B 5 4.37 -21.39 -14.30
N LYS B 8 5.15 -16.33 -12.41
CA LYS B 8 5.47 -16.06 -11.02
C LYS B 8 6.93 -15.62 -10.88
N LYS B 9 7.15 -14.31 -10.88
CA LYS B 9 8.49 -13.75 -10.77
C LYS B 9 8.38 -12.28 -10.39
N LYS B 10 8.85 -11.92 -9.19
CA LYS B 10 8.79 -10.53 -8.74
C LYS B 10 9.95 -9.76 -9.34
N GLY B 11 9.63 -8.68 -10.07
CA GLY B 11 10.62 -7.98 -10.83
C GLY B 11 11.68 -7.34 -9.97
N SER B 12 12.66 -6.75 -10.65
CA SER B 12 13.79 -6.09 -10.02
C SER B 12 13.55 -4.59 -9.91
N VAL B 13 14.31 -3.95 -9.02
CA VAL B 13 14.27 -2.50 -8.89
C VAL B 13 14.97 -1.87 -10.09
N VAL B 14 14.36 -0.84 -10.67
CA VAL B 14 14.84 -0.24 -11.90
C VAL B 14 15.08 1.24 -11.67
N ILE B 15 16.20 1.75 -12.18
CA ILE B 15 16.50 3.17 -12.14
C ILE B 15 15.80 3.85 -13.31
N VAL B 16 14.92 4.79 -13.00
CA VAL B 16 14.13 5.49 -14.02
C VAL B 16 14.52 6.95 -14.13
N GLY B 17 15.45 7.43 -13.32
CA GLY B 17 15.86 8.83 -13.37
C GLY B 17 16.96 9.14 -12.38
N ARG B 18 17.02 10.39 -11.93
CA ARG B 18 18.03 10.80 -10.97
C ARG B 18 17.73 12.22 -10.52
N ILE B 19 18.34 12.61 -9.41
CA ILE B 19 18.25 13.98 -8.88
C ILE B 19 19.60 14.63 -9.16
N ASN B 20 19.65 15.45 -10.21
CA ASN B 20 20.90 16.12 -10.56
C ASN B 20 21.24 17.16 -9.50
N LEU B 21 22.43 17.04 -8.91
CA LEU B 21 22.87 17.94 -7.87
C LEU B 21 24.28 18.47 -8.13
N SER B 22 24.85 18.22 -9.31
CA SER B 22 26.25 18.57 -9.57
C SER B 22 26.42 20.03 -9.95
N GLY B 23 25.41 20.63 -10.58
CA GLY B 23 25.50 22.00 -11.06
C GLY B 23 25.03 23.01 -10.03
N ASP B 24 24.50 24.13 -10.53
CA ASP B 24 24.04 25.22 -9.69
C ASP B 24 22.59 25.06 -9.24
N THR B 25 21.82 24.19 -9.89
CA THR B 25 20.43 23.96 -9.54
C THR B 25 20.18 22.47 -9.38
N ALA B 26 19.29 22.14 -8.45
CA ALA B 26 18.90 20.76 -8.20
C ALA B 26 17.58 20.50 -8.93
N TYR B 27 17.58 19.51 -9.82
CA TYR B 27 16.41 19.21 -10.63
C TYR B 27 16.39 17.73 -10.97
N ALA B 28 15.20 17.21 -11.22
CA ALA B 28 15.01 15.80 -11.50
C ALA B 28 15.07 15.52 -13.00
N GLN B 29 15.63 14.38 -13.36
CA GLN B 29 15.71 13.93 -14.73
C GLN B 29 15.13 12.52 -14.82
N GLN B 30 14.29 12.28 -15.82
CA GLN B 30 13.75 10.96 -16.09
C GLN B 30 14.58 10.29 -17.18
N THR B 31 14.93 9.02 -16.96
CA THR B 31 15.66 8.22 -17.93
C THR B 31 14.87 7.06 -18.47
N ARG B 32 13.73 6.71 -17.86
CA ARG B 32 12.88 5.64 -18.34
C ARG B 32 11.44 5.96 -17.96
N GLY B 33 10.51 5.45 -18.75
CA GLY B 33 9.11 5.70 -18.55
C GLY B 33 8.34 4.46 -18.13
N GLU B 34 7.00 4.57 -18.19
CA GLU B 34 6.14 3.46 -17.84
C GLU B 34 6.50 2.21 -18.63
N GLU B 35 6.50 2.31 -19.96
CA GLU B 35 6.89 1.20 -20.80
C GLU B 35 8.41 1.02 -20.77
N GLY B 36 8.84 -0.22 -20.95
CA GLY B 36 10.26 -0.54 -20.88
C GLY B 36 10.76 -0.72 -19.47
N CYS B 37 10.23 0.07 -18.53
CA CYS B 37 10.63 -0.07 -17.14
C CYS B 37 10.24 -1.45 -16.60
N GLN B 38 9.03 -1.91 -16.91
CA GLN B 38 8.63 -3.25 -16.49
C GLN B 38 9.44 -4.32 -17.20
N GLU B 39 9.81 -4.08 -18.47
CA GLU B 39 10.66 -5.02 -19.18
C GLU B 39 12.05 -5.06 -18.59
N THR B 40 12.56 -3.91 -18.13
CA THR B 40 13.85 -3.90 -17.46
C THR B 40 13.78 -4.61 -16.12
N SER B 41 12.67 -4.43 -15.40
CA SER B 41 12.48 -5.15 -14.13
C SER B 41 12.26 -6.64 -14.36
N GLN B 42 11.76 -7.01 -15.53
CA GLN B 42 11.54 -8.42 -15.86
C GLN B 42 12.88 -9.14 -16.04
N THR B 43 13.56 -8.86 -17.15
CA THR B 43 14.86 -9.47 -17.41
C THR B 43 15.86 -9.10 -16.31
N GLY B 44 15.94 -7.81 -16.00
CA GLY B 44 16.98 -7.30 -15.13
C GLY B 44 18.19 -6.73 -15.85
N ARG B 45 18.13 -6.60 -17.17
CA ARG B 45 19.23 -6.11 -17.97
C ARG B 45 18.99 -4.63 -18.24
N ASP B 46 19.67 -3.76 -17.48
CA ASP B 46 19.57 -2.32 -17.63
C ASP B 46 20.92 -1.81 -18.15
N LYS B 47 20.91 -1.30 -19.38
CA LYS B 47 22.14 -0.91 -20.06
C LYS B 47 22.39 0.59 -20.06
N ASN B 48 21.68 1.34 -19.21
CA ASN B 48 21.86 2.78 -19.14
C ASN B 48 22.91 3.10 -18.08
N GLN B 49 24.04 3.68 -18.51
CA GLN B 49 25.11 4.02 -17.59
C GLN B 49 24.60 4.96 -16.51
N VAL B 50 24.92 4.64 -15.25
CA VAL B 50 24.44 5.43 -14.12
C VAL B 50 25.25 6.70 -13.99
N GLU B 51 24.62 7.74 -13.45
CA GLU B 51 25.29 8.99 -13.14
C GLU B 51 24.68 9.59 -11.89
N GLY B 52 25.48 10.37 -11.17
CA GLY B 52 25.01 11.04 -9.97
C GLY B 52 24.99 10.14 -8.74
N GLU B 53 24.73 10.77 -7.60
CA GLU B 53 24.69 10.07 -6.33
C GLU B 53 23.28 9.72 -5.88
N VAL B 54 22.26 10.42 -6.38
CA VAL B 54 20.87 10.17 -6.03
C VAL B 54 20.15 9.69 -7.28
N GLN B 55 19.52 8.51 -7.19
CA GLN B 55 18.80 7.92 -8.30
C GLN B 55 17.33 7.77 -7.93
N ILE B 56 16.47 7.85 -8.94
CA ILE B 56 15.04 7.56 -8.78
C ILE B 56 14.83 6.11 -9.19
N VAL B 57 14.10 5.36 -8.37
CA VAL B 57 13.92 3.93 -8.58
C VAL B 57 12.44 3.61 -8.54
N SER B 58 12.06 2.59 -9.31
CA SER B 58 10.66 2.17 -9.42
C SER B 58 10.57 0.65 -9.35
N THR B 59 9.56 0.17 -8.64
CA THR B 59 9.10 -1.21 -8.76
C THR B 59 7.85 -1.23 -9.63
N ALA B 60 7.33 -2.42 -9.90
CA ALA B 60 6.12 -2.51 -10.70
C ALA B 60 4.90 -1.89 -10.02
N THR B 61 5.01 -1.53 -8.73
CA THR B 61 3.89 -0.98 -7.98
C THR B 61 4.21 0.29 -7.22
N GLN B 62 5.48 0.57 -6.93
CA GLN B 62 5.85 1.70 -6.08
C GLN B 62 6.93 2.51 -6.79
N THR B 63 7.38 3.59 -6.13
CA THR B 63 8.39 4.46 -6.70
C THR B 63 9.04 5.25 -5.57
N PHE B 64 10.31 4.97 -5.30
CA PHE B 64 11.07 5.65 -4.25
C PHE B 64 12.40 6.12 -4.81
N LEU B 65 13.31 6.56 -3.93
CA LEU B 65 14.63 6.99 -4.35
C LEU B 65 15.69 6.08 -3.74
N ALA B 66 16.89 6.14 -4.32
CA ALA B 66 18.07 5.47 -3.80
C ALA B 66 19.23 6.45 -3.81
N THR B 67 20.19 6.24 -2.91
CA THR B 67 21.31 7.15 -2.76
C THR B 67 22.59 6.36 -2.55
N SER B 68 23.65 6.78 -3.25
CA SER B 68 24.93 6.10 -3.19
C SER B 68 25.81 6.77 -2.13
N ILE B 69 26.25 5.98 -1.15
CA ILE B 69 27.17 6.45 -0.12
C ILE B 69 28.18 5.35 0.15
N ASN B 70 29.46 5.72 0.23
CA ASN B 70 30.53 4.79 0.56
C ASN B 70 30.54 3.60 -0.40
N GLY B 71 30.28 3.86 -1.67
CA GLY B 71 30.31 2.83 -2.69
C GLY B 71 29.15 1.86 -2.66
N VAL B 72 28.10 2.17 -1.90
CA VAL B 72 26.92 1.33 -1.81
C VAL B 72 25.70 2.17 -2.15
N LEU B 73 24.86 1.67 -3.05
CA LEU B 73 23.60 2.32 -3.40
C LEU B 73 22.54 1.85 -2.40
N TRP B 74 22.10 2.75 -1.54
CA TRP B 74 21.18 2.41 -0.47
C TRP B 74 19.74 2.82 -0.84
N THR B 75 18.81 2.28 -0.07
CA THR B 75 17.40 2.68 -0.12
C THR B 75 16.70 2.01 1.05
N VAL B 76 15.39 2.19 1.12
CA VAL B 76 14.59 1.65 2.21
C VAL B 76 14.06 0.28 1.82
N TYR B 77 13.79 -0.55 2.83
CA TYR B 77 13.31 -1.91 2.58
C TYR B 77 11.82 -1.94 2.23
N HIS B 78 11.01 -1.05 2.82
CA HIS B 78 9.58 -1.06 2.55
C HIS B 78 9.26 -0.69 1.11
N GLY B 79 10.24 -0.27 0.33
CA GLY B 79 10.03 0.02 -1.08
C GLY B 79 10.61 -1.05 -1.98
N ALA B 80 11.83 -1.51 -1.66
CA ALA B 80 12.52 -2.49 -2.49
C ALA B 80 12.39 -3.92 -1.99
N GLY B 81 12.30 -4.11 -0.67
CA GLY B 81 12.24 -5.47 -0.14
C GLY B 81 13.52 -6.22 -0.43
N THR B 82 13.37 -7.47 -0.86
CA THR B 82 14.49 -8.33 -1.19
C THR B 82 14.75 -8.41 -2.68
N ARG B 83 14.13 -7.54 -3.48
CA ARG B 83 14.32 -7.55 -4.92
C ARG B 83 15.79 -7.31 -5.26
N THR B 84 16.12 -7.59 -6.52
CA THR B 84 17.40 -7.25 -7.10
C THR B 84 17.27 -5.93 -7.86
N ILE B 85 18.39 -5.44 -8.39
CA ILE B 85 18.41 -4.22 -9.17
C ILE B 85 18.94 -4.55 -10.56
N ALA B 86 18.39 -3.90 -11.58
CA ALA B 86 18.76 -4.17 -12.96
C ALA B 86 20.06 -3.44 -13.29
N SER B 87 21.07 -4.20 -13.72
CA SER B 87 22.37 -3.68 -14.08
C SER B 87 22.72 -4.12 -15.49
N PRO B 88 23.77 -3.54 -16.07
CA PRO B 88 24.16 -3.93 -17.43
C PRO B 88 24.38 -5.43 -17.60
N LYS B 89 24.98 -6.09 -16.60
CA LYS B 89 25.29 -7.51 -16.67
C LYS B 89 24.24 -8.38 -15.98
N GLY B 90 23.01 -7.88 -15.85
CA GLY B 90 21.94 -8.64 -15.26
C GLY B 90 21.62 -8.19 -13.85
N PRO B 91 20.71 -8.90 -13.19
CA PRO B 91 20.32 -8.52 -11.83
C PRO B 91 21.50 -8.62 -10.86
N VAL B 92 21.51 -7.71 -9.88
CA VAL B 92 22.53 -7.68 -8.85
C VAL B 92 21.86 -7.94 -7.51
N THR B 93 22.43 -8.87 -6.74
CA THR B 93 21.86 -9.24 -5.45
C THR B 93 22.23 -8.20 -4.39
N GLN B 94 21.25 -7.86 -3.55
CA GLN B 94 21.49 -6.91 -2.47
C GLN B 94 22.68 -7.36 -1.63
N MET B 95 23.63 -6.44 -1.44
CA MET B 95 24.78 -6.74 -0.59
C MET B 95 24.46 -6.62 0.89
N TYR B 96 23.42 -5.86 1.24
CA TYR B 96 23.00 -5.70 2.63
C TYR B 96 21.48 -5.71 2.68
N THR B 97 20.93 -6.33 3.73
CA THR B 97 19.49 -6.38 3.93
C THR B 97 19.21 -6.44 5.42
N ASN B 98 18.50 -5.43 5.93
CA ASN B 98 18.16 -5.35 7.35
C ASN B 98 16.75 -4.79 7.47
N VAL B 99 15.77 -5.67 7.68
CA VAL B 99 14.40 -5.23 7.85
C VAL B 99 14.23 -4.44 9.13
N ASP B 100 14.99 -4.78 10.17
CA ASP B 100 14.88 -4.08 11.44
C ASP B 100 15.25 -2.61 11.33
N LYS B 101 16.03 -2.24 10.31
CA LYS B 101 16.39 -0.85 10.06
C LYS B 101 15.74 -0.29 8.81
N ASP B 102 14.92 -1.08 8.11
CA ASP B 102 14.29 -0.65 6.87
C ASP B 102 15.36 -0.16 5.88
N LEU B 103 16.33 -1.03 5.62
CA LEU B 103 17.53 -0.65 4.88
C LEU B 103 17.96 -1.79 3.97
N VAL B 104 18.24 -1.46 2.71
CA VAL B 104 18.78 -2.40 1.74
C VAL B 104 19.82 -1.66 0.91
N GLY B 105 20.77 -2.41 0.36
CA GLY B 105 21.84 -1.80 -0.40
C GLY B 105 22.52 -2.70 -1.41
N TRP B 106 22.71 -2.18 -2.62
CA TRP B 106 23.50 -2.84 -3.65
C TRP B 106 24.84 -2.12 -3.80
N GLN B 107 25.78 -2.79 -4.46
CA GLN B 107 27.06 -2.17 -4.79
C GLN B 107 26.83 -1.07 -5.82
N ALA B 108 27.39 0.11 -5.57
CA ALA B 108 27.16 1.25 -6.45
C ALA B 108 27.53 0.90 -7.89
N PRO B 109 26.73 1.31 -8.87
CA PRO B 109 27.06 1.00 -10.27
C PRO B 109 28.23 1.85 -10.76
N GLN B 110 28.78 1.44 -11.90
CA GLN B 110 29.87 2.18 -12.51
C GLN B 110 29.35 3.46 -13.14
N GLY B 111 30.15 4.52 -13.04
CA GLY B 111 29.76 5.83 -13.51
C GLY B 111 29.06 6.67 -12.46
N SER B 112 28.58 6.07 -11.37
CA SER B 112 27.95 6.80 -10.30
C SER B 112 28.99 7.34 -9.33
N ARG B 113 28.54 8.19 -8.42
CA ARG B 113 29.40 8.79 -7.40
C ARG B 113 28.77 8.60 -6.03
N SER B 114 29.62 8.39 -5.02
CA SER B 114 29.17 8.15 -3.65
C SER B 114 29.45 9.38 -2.80
N LEU B 115 28.43 9.84 -2.09
CA LEU B 115 28.59 10.98 -1.20
C LEU B 115 29.40 10.59 0.02
N THR B 116 29.94 11.60 0.69
CA THR B 116 30.77 11.36 1.87
C THR B 116 29.93 11.46 3.14
N PRO B 117 30.03 10.51 4.06
CA PRO B 117 29.31 10.65 5.34
C PRO B 117 29.76 11.90 6.07
N CYS B 118 28.91 12.35 6.98
CA CYS B 118 29.18 13.58 7.72
C CYS B 118 30.05 13.27 8.94
N THR B 119 31.26 13.80 8.94
CA THR B 119 32.15 13.77 10.09
C THR B 119 32.19 15.14 10.76
N CYS B 120 31.03 15.80 10.82
CA CYS B 120 30.90 17.13 11.39
C CYS B 120 29.42 17.44 11.59
N GLY B 121 28.86 17.01 12.72
CA GLY B 121 27.44 17.15 12.94
C GLY B 121 27.02 18.60 13.06
N SER B 122 25.82 18.90 12.56
CA SER B 122 25.26 20.24 12.65
C SER B 122 23.74 20.13 12.73
N SER B 123 23.14 21.07 13.45
CA SER B 123 21.69 21.12 13.62
C SER B 123 21.03 21.93 12.50
N ASP B 124 21.38 21.61 11.26
CA ASP B 124 20.84 22.31 10.10
C ASP B 124 20.91 21.42 8.87
N LEU B 125 19.99 20.47 8.77
CA LEU B 125 20.00 19.51 7.68
C LEU B 125 19.17 20.01 6.50
N TYR B 126 19.32 19.32 5.37
CA TYR B 126 18.56 19.64 4.16
C TYR B 126 18.11 18.34 3.51
N LEU B 127 16.85 18.32 3.10
CA LEU B 127 16.21 17.11 2.57
C LEU B 127 15.91 17.29 1.09
N VAL B 128 16.34 16.31 0.29
CA VAL B 128 16.07 16.30 -1.15
C VAL B 128 14.90 15.36 -1.41
N THR B 129 13.87 15.87 -2.08
CA THR B 129 12.70 15.09 -2.44
C THR B 129 12.92 14.41 -3.79
N ARG B 130 11.88 13.73 -4.30
CA ARG B 130 11.91 13.31 -5.69
C ARG B 130 11.80 14.50 -6.63
N HIS B 131 11.04 15.51 -6.23
CA HIS B 131 10.81 16.70 -7.04
C HIS B 131 11.98 17.66 -7.02
N ALA B 132 13.13 17.24 -6.47
CA ALA B 132 14.34 18.04 -6.35
C ALA B 132 14.18 19.20 -5.38
N ASP B 133 13.10 19.24 -4.59
CA ASP B 133 12.94 20.29 -3.59
C ASP B 133 13.90 20.06 -2.44
N VAL B 134 14.54 21.12 -1.99
CA VAL B 134 15.52 21.10 -0.91
C VAL B 134 14.84 21.70 0.31
N ILE B 135 14.43 20.85 1.25
CA ILE B 135 13.66 21.27 2.41
C ILE B 135 14.63 21.41 3.60
N PRO B 136 14.72 22.59 4.22
CA PRO B 136 15.52 22.68 5.45
C PRO B 136 14.89 21.88 6.57
N VAL B 137 15.75 21.21 7.35
CA VAL B 137 15.31 20.36 8.45
C VAL B 137 16.18 20.68 9.67
N ARG B 138 15.53 20.92 10.81
CA ARG B 138 16.23 21.18 12.06
C ARG B 138 16.43 19.85 12.78
N ARG B 139 17.69 19.44 12.93
CA ARG B 139 17.99 18.17 13.58
C ARG B 139 17.49 18.18 15.02
N ARG B 140 16.61 17.22 15.33
CA ARG B 140 16.05 17.08 16.66
C ARG B 140 16.61 15.88 17.41
N GLY B 141 17.45 15.08 16.77
CA GLY B 141 18.04 13.93 17.43
C GLY B 141 19.08 13.28 16.55
N ASP B 142 19.47 12.07 16.93
CA ASP B 142 20.42 11.31 16.13
C ASP B 142 19.79 10.74 14.87
N SER B 143 18.47 10.56 14.87
CA SER B 143 17.76 9.98 13.72
C SER B 143 16.42 10.66 13.53
N THR B 144 16.37 11.98 13.70
CA THR B 144 15.12 12.71 13.57
C THR B 144 15.43 14.18 13.33
N GLY B 145 14.38 14.92 12.94
CA GLY B 145 14.49 16.34 12.67
C GLY B 145 13.18 16.93 12.22
N SER B 146 12.92 18.18 12.59
CA SER B 146 11.66 18.83 12.27
C SER B 146 11.77 19.63 10.98
N LEU B 147 10.64 19.80 10.29
CA LEU B 147 10.57 20.62 9.09
C LEU B 147 10.43 22.09 9.51
N LEU B 148 11.37 22.92 9.06
CA LEU B 148 11.30 24.35 9.38
C LEU B 148 10.16 25.03 8.62
N SER B 149 9.77 24.48 7.47
CA SER B 149 8.64 24.97 6.69
C SER B 149 7.58 23.89 6.63
N PRO B 150 6.34 24.15 7.05
CA PRO B 150 5.33 23.08 7.07
C PRO B 150 4.74 22.87 5.68
N ARG B 151 4.65 21.61 5.28
CA ARG B 151 4.07 21.26 3.99
C ARG B 151 3.35 19.93 4.13
N PRO B 152 2.38 19.65 3.25
CA PRO B 152 1.59 18.42 3.40
C PRO B 152 2.44 17.17 3.29
N LEU B 153 1.99 16.10 3.94
CA LEU B 153 2.67 14.82 3.84
C LEU B 153 2.78 14.34 2.40
N SER B 154 1.83 14.73 1.55
CA SER B 154 1.84 14.27 0.16
C SER B 154 3.09 14.73 -0.57
N TYR B 155 3.66 15.86 -0.17
CA TYR B 155 4.86 16.38 -0.81
C TYR B 155 6.10 15.56 -0.47
N LEU B 156 6.01 14.62 0.46
CA LEU B 156 7.13 13.78 0.84
C LEU B 156 6.97 12.32 0.42
N LYS B 157 5.80 11.93 -0.07
CA LYS B 157 5.59 10.56 -0.49
C LYS B 157 6.49 10.23 -1.69
N GLY B 158 7.05 9.04 -1.69
CA GLY B 158 7.95 8.61 -2.73
C GLY B 158 9.39 9.02 -2.53
N SER B 159 9.70 9.80 -1.50
CA SER B 159 11.04 10.32 -1.29
C SER B 159 11.87 9.49 -0.32
N SER B 160 11.29 8.44 0.27
CA SER B 160 12.07 7.55 1.11
C SER B 160 13.26 7.01 0.32
N GLY B 161 14.33 6.72 1.05
CA GLY B 161 15.59 6.39 0.41
C GLY B 161 16.34 7.57 -0.14
N GLY B 162 15.81 8.78 0.04
CA GLY B 162 16.49 9.99 -0.39
C GLY B 162 17.47 10.48 0.66
N PRO B 163 18.24 11.50 0.32
CA PRO B 163 19.31 11.95 1.21
C PRO B 163 18.91 13.08 2.14
N LEU B 164 19.51 13.06 3.33
CA LEU B 164 19.54 14.19 4.23
C LEU B 164 20.99 14.63 4.39
N LEU B 165 21.20 15.95 4.34
CA LEU B 165 22.52 16.50 4.08
C LEU B 165 22.89 17.55 5.11
N CYS B 166 24.19 17.79 5.23
CA CYS B 166 24.71 18.96 5.89
C CYS B 166 24.84 20.11 4.91
N PRO B 167 25.04 21.33 5.39
CA PRO B 167 25.15 22.46 4.46
C PRO B 167 26.24 22.29 3.41
N ALA B 168 27.20 21.39 3.62
CA ALA B 168 28.29 21.20 2.67
C ALA B 168 27.97 20.22 1.55
N GLY B 169 26.95 19.37 1.74
CA GLY B 169 26.62 18.34 0.78
C GLY B 169 26.96 16.94 1.22
N HIS B 170 27.59 16.77 2.38
CA HIS B 170 27.89 15.44 2.89
C HIS B 170 26.63 14.80 3.45
N ALA B 171 26.58 13.47 3.37
CA ALA B 171 25.39 12.73 3.75
C ALA B 171 25.30 12.58 5.26
N VAL B 172 24.07 12.70 5.78
CA VAL B 172 23.80 12.50 7.19
C VAL B 172 22.96 11.26 7.43
N GLY B 173 21.93 11.03 6.61
CA GLY B 173 21.07 9.87 6.79
C GLY B 173 20.26 9.59 5.55
N ILE B 174 19.39 8.60 5.67
CA ILE B 174 18.52 8.16 4.58
C ILE B 174 17.08 8.33 5.03
N PHE B 175 16.36 9.21 4.34
CA PHE B 175 14.96 9.48 4.69
C PHE B 175 14.18 8.18 4.73
N ARG B 176 13.52 7.93 5.87
CA ARG B 176 12.86 6.65 6.11
C ARG B 176 11.37 6.80 6.43
N ALA B 177 10.99 7.76 7.26
CA ALA B 177 9.59 7.91 7.65
C ALA B 177 9.32 9.36 8.00
N ALA B 178 8.04 9.72 7.95
CA ALA B 178 7.60 11.08 8.24
C ALA B 178 6.55 11.05 9.33
N VAL B 179 6.47 12.15 10.09
CA VAL B 179 5.50 12.33 11.16
C VAL B 179 4.64 13.53 10.81
N SER B 180 3.32 13.35 10.84
CA SER B 180 2.40 14.36 10.37
C SER B 180 1.19 14.45 11.30
N THR B 181 0.58 15.63 11.33
CA THR B 181 -0.66 15.85 12.09
C THR B 181 -1.69 16.45 11.14
N ARG B 182 -2.81 15.77 10.97
CA ARG B 182 -3.88 16.23 10.09
C ARG B 182 -3.37 16.45 8.67
N GLY B 183 -2.59 15.48 8.18
CA GLY B 183 -2.04 15.55 6.84
C GLY B 183 -0.88 16.51 6.66
N VAL B 184 -0.50 17.25 7.69
CA VAL B 184 0.58 18.22 7.60
C VAL B 184 1.85 17.59 8.19
N ALA B 185 2.91 17.52 7.39
CA ALA B 185 4.15 16.93 7.84
C ALA B 185 4.85 17.86 8.82
N LYS B 186 5.09 17.36 10.04
CA LYS B 186 5.71 18.15 11.09
C LYS B 186 7.14 17.74 11.40
N ALA B 187 7.52 16.49 11.13
CA ALA B 187 8.86 16.02 11.45
C ALA B 187 9.24 14.91 10.49
N VAL B 188 10.56 14.67 10.39
CA VAL B 188 11.10 13.62 9.54
C VAL B 188 12.02 12.74 10.38
N GLN B 189 12.15 11.48 9.97
CA GLN B 189 13.07 10.54 10.58
C GLN B 189 13.87 9.84 9.48
N PHE B 190 15.14 9.59 9.76
CA PHE B 190 16.06 9.06 8.76
C PHE B 190 16.92 7.98 9.39
N ILE B 191 17.62 7.24 8.53
CA ILE B 191 18.59 6.24 8.96
C ILE B 191 19.93 6.95 9.12
N PRO B 192 20.41 7.16 10.35
CA PRO B 192 21.68 7.88 10.51
C PRO B 192 22.81 7.20 9.75
N VAL B 193 23.66 8.01 9.11
CA VAL B 193 24.73 7.47 8.30
C VAL B 193 25.70 6.64 9.13
N GLU B 194 25.72 6.84 10.45
CA GLU B 194 26.54 6.00 11.32
C GLU B 194 26.02 4.57 11.32
N SER B 195 24.70 4.40 11.48
CA SER B 195 24.11 3.08 11.36
C SER B 195 24.32 2.48 9.96
N LEU B 196 24.51 3.33 8.94
CA LEU B 196 24.83 2.82 7.61
C LEU B 196 26.20 2.16 7.60
N GLU B 197 27.21 2.87 8.10
CA GLU B 197 28.56 2.32 8.19
C GLU B 197 28.73 1.38 9.37
N THR B 198 27.83 1.44 10.36
CA THR B 198 27.83 0.43 11.42
C THR B 198 27.30 -0.91 10.93
N THR B 199 26.71 -0.94 9.73
CA THR B 199 26.32 -2.17 9.06
C THR B 199 27.46 -2.74 8.20
N MET B 200 28.70 -2.39 8.54
CA MET B 200 29.90 -2.81 7.83
C MET B 200 29.66 -3.11 6.35
C SUE C . -31.60 -7.16 2.12
N SUE C . -33.40 -8.35 0.98
O SUE C . -30.86 -8.05 1.85
CA SUE C . -33.12 -7.39 2.05
CB SUE C . -33.66 -7.94 3.39
CAB SUE C . -34.01 -7.88 -0.28
NAC SUE C . -30.05 -1.19 1.19
CAD SUE C . -28.74 1.29 -1.71
CAE SUE C . -29.26 1.32 1.33
CAF SUE C . -33.69 -8.57 -3.89
CAG SUE C . -33.39 -7.26 -3.18
CAH SUE C . -34.41 -8.24 -2.58
CAK SUE C . -24.93 -3.71 8.79
CAL SUE C . -23.85 -3.46 7.74
OAM SUE C . -23.73 -6.36 6.87
SAN SUE C . -25.12 -5.90 6.98
CAO SUE C . -26.97 -8.09 3.88
OAP SUE C . -29.41 -6.78 4.55
CAQ SUE C . -28.94 -6.48 3.51
CAR SUE C . -35.20 -8.12 3.24
CAS SUE C . -27.67 -10.35 5.06
CAT SUE C . -29.28 0.00 -1.00
CAU SUE C . -33.29 -6.05 -4.18
NAV SUE C . -26.00 -6.28 5.53
CAW SUE C . -27.67 -9.45 3.81
CAX SUE C . -32.74 -4.42 -2.29
CAY SUE C . -28.48 2.58 -0.88
OAZ SUE C . -30.79 -3.61 1.04
CBA SUE C . -28.64 3.64 2.77
OBB SUE C . -28.49 3.77 1.38
CBC SUE C . -33.73 -4.75 -3.45
CBD SUE C . -31.55 -3.57 -2.84
CBE SUE C . -30.30 -2.41 0.42
CBF SUE C . -30.04 -2.44 -1.11
CBG SUE C . -29.53 0.02 0.50
NBH SUE C . -29.54 -1.23 -1.78
CBI SUE C . -30.31 -3.74 -1.91
CBJ SUE C . -28.73 2.58 0.64
OBK SUE C . -25.61 -6.68 8.11
CBL SUE C . -25.18 -4.10 7.33
OBM SUE C . -25.75 -8.52 5.89
CBN SUE C . -26.32 -9.25 3.13
CBO SUE C . -26.20 -7.69 5.17
NBP SUE C . -27.66 -7.08 3.05
CBQ SUE C . -28.82 -10.86 5.51
OBR SUE C . -34.18 -6.72 -0.46
OBT SUE C . -34.40 -8.82 -1.28
CBX SUE C . -29.59 -4.04 3.08
CBY SUE C . -29.63 -5.49 2.60
NBZ SUE C . -31.05 -5.82 2.51
CCA SUE C . -31.82 -4.63 2.85
CCB SUE C . -30.87 -3.54 2.44
CG1 SUE C . -33.38 -6.91 4.53
CG2 SUE C . -33.00 -9.30 3.74
HN SUE C . -33.20 -9.18 1.09
HA SUE C . -33.55 -6.54 1.87
HAD SUE C . -28.59 1.28 -2.62
HAE SUE C . -29.43 1.32 2.25
HAF SUE C . -33.01 -9.26 -3.82
HAFA SUE C . -34.23 -8.51 -4.70
HAG SUE C . -32.53 -7.38 -2.75
HAH SUE C . -35.31 -7.96 -2.81
HAK SUE C . -25.40 -2.92 9.11
HAKA SUE C . -24.76 -4.46 9.40
HAL SUE C . -23.73 -2.55 7.47
HALA SUE C . -23.09 -4.07 7.77
HAR SUE C . -35.59 -8.25 4.12
HARA SUE C . -35.37 -8.91 2.70
HARB SUE C . -35.58 -7.35 2.82
HAS SUE C . -26.88 -10.53 5.52
HAU SUE C . -32.38 -5.97 -4.49
HAUA SUE C . -33.88 -6.21 -4.93
HNAV SUE C . -26.31 -5.65 5.03
HAW SUE C . -28.45 -9.46 3.22
HAX SUE C . -33.21 -3.91 -1.62
HAXA SUE C . -32.40 -5.24 -1.91
HAY SUE C . -28.16 3.33 -1.31
HBA SUE C . -29.56 3.46 3.00
HBAA SUE C . -28.07 2.92 3.10
HBAB SUE C . -28.36 4.48 3.19
HBC SUE C . -33.73 -4.02 -4.09
HBCA SUE C . -34.61 -4.87 -3.10
HBD SUE C . -31.81 -2.63 -2.86
HBDA SUE C . -31.33 -3.86 -3.73
HBI SUE C . -29.54 -3.94 -2.46
HBIA SUE C . -30.47 -4.47 -1.30
HBL SUE C . -25.79 -3.53 6.85
HBN SUE C . -25.57 -9.66 3.56
HBNA SUE C . -26.35 -9.19 2.15
HNBP SUE C . -27.32 -6.85 2.29
HBQ SUE C . -29.61 -10.68 5.06
HBQA SUE C . -28.83 -11.41 6.26
HBX SUE C . -28.82 -3.57 2.75
HBXA SUE C . -29.64 -3.98 4.05
HBY SUE C . -29.17 -5.51 1.74
HCA SUE C . -32.01 -4.59 3.80
HCAA SUE C . -32.65 -4.58 2.34
HCB SUE C . -31.08 -2.64 2.73
HG1 SUE C . -33.72 -6.04 4.27
HG1A SUE C . -33.83 -7.20 5.33
HG1B SUE C . -32.42 -6.86 4.69
HG2 SUE C . -33.10 -9.91 3.00
HG2A SUE C . -32.06 -9.16 3.93
HG2B SUE C . -33.43 -9.67 4.52
ZN ZN D . -13.11 -17.35 -13.06
O1 MES E . -24.91 6.28 15.48
C2 MES E . -24.36 7.58 15.36
C3 MES E . -22.90 7.59 15.78
N4 MES E . -22.28 6.35 15.33
C5 MES E . -22.91 5.71 14.17
C6 MES E . -24.40 5.47 14.42
C7 MES E . -20.81 6.50 15.30
C8 MES E . -20.19 5.88 14.04
S MES E . -18.52 5.90 14.13
O1S MES E . -18.05 6.40 15.44
O2S MES E . -18.02 4.53 13.88
O3S MES E . -18.03 6.78 13.04
H21 MES E . -24.44 7.92 14.31
H22 MES E . -24.92 8.27 15.98
H31 MES E . -22.83 7.65 16.87
H32 MES E . -22.39 8.45 15.36
HN4 MES E . -22.47 5.63 16.00
H51 MES E . -22.41 4.75 13.97
H52 MES E . -22.79 6.34 13.28
H61 MES E . -24.97 5.69 13.51
H62 MES E . -24.56 4.41 14.67
H71 MES E . -20.39 6.01 16.18
H72 MES E . -20.56 7.56 15.35
H81 MES E . -20.51 6.45 13.16
H82 MES E . -20.54 4.86 13.93
O1 MES F . -4.98 -7.97 -9.92
C2 MES F . -4.03 -8.71 -10.67
C3 MES F . -2.60 -8.25 -10.40
N4 MES F . -2.49 -6.81 -10.53
C5 MES F . -3.54 -6.02 -9.91
C6 MES F . -4.90 -6.60 -10.28
C7 MES F . -1.17 -6.24 -10.21
C8 MES F . -0.04 -7.18 -10.60
S MES F . 1.43 -6.52 -10.15
O1S MES F . 1.99 -7.31 -9.03
O2S MES F . 1.22 -5.11 -9.74
O3S MES F . 2.37 -6.60 -11.30
H21 MES F . -4.13 -9.77 -10.40
H22 MES F . -4.25 -8.60 -11.73
H31 MES F . -1.93 -8.74 -11.12
H32 MES F . -2.29 -8.56 -9.40
HN4 MES F . -2.61 -6.73 -11.53
H51 MES F . -3.48 -4.98 -10.24
H52 MES F . -3.41 -6.03 -8.82
H61 MES F . -5.69 -6.04 -9.76
H62 MES F . -5.06 -6.50 -11.35
H71 MES F . -1.12 -6.03 -9.14
H72 MES F . -1.06 -5.28 -10.74
H81 MES F . -0.05 -7.36 -11.67
H82 MES F . -0.17 -8.14 -10.10
S SO4 G . -27.11 7.62 5.05
O1 SO4 G . -28.53 7.26 5.11
O2 SO4 G . -26.76 8.38 6.24
O3 SO4 G . -26.31 6.41 5.00
O4 SO4 G . -26.86 8.43 3.85
S SO4 H . -2.70 6.30 2.10
O1 SO4 H . -3.81 5.77 1.30
O2 SO4 H . -2.95 7.70 2.43
O3 SO4 H . -2.58 5.52 3.32
O4 SO4 H . -1.46 6.19 1.33
S SO4 I . -25.60 3.86 11.45
O1 SO4 I . -26.46 2.72 11.24
O2 SO4 I . -26.40 4.97 11.98
O3 SO4 I . -24.54 3.51 12.39
O4 SO4 I . -25.00 4.26 10.18
C SUE J . 5.84 6.44 7.78
N SUE J . 5.27 7.56 9.86
O SUE J . 6.57 7.35 7.53
CA SUE J . 4.77 6.60 8.88
CB SUE J . 3.42 7.09 8.33
CAB SUE J . 5.99 7.08 11.06
NAC SUE J . 7.67 0.64 7.27
CAD SUE J . 10.70 -1.75 8.40
CAE SUE J . 8.15 -1.86 6.66
CAF SUE J . 8.58 7.69 13.76
CAG SUE J . 8.46 6.40 12.94
CAH SUE J . 7.26 7.35 13.04
CAK SUE J . 7.68 3.71 -1.97
CAL SUE J . 8.62 3.40 -0.81
OAM SUE J . 8.08 6.49 -0.88
SAN SUE J . 7.14 5.72 -0.07
CAO SUE J . 8.12 7.68 3.51
OAP SUE J . 5.86 6.15 4.34
CAQ SUE J . 6.88 5.91 4.89
CAR SUE J . 2.42 7.17 9.52
CAS SUE J . 6.82 9.94 3.20
CAT SUE J . 9.80 -0.48 8.27
CAU SUE J . 9.13 5.19 13.69
NAV SUE J . 7.50 5.98 1.60
CAW SUE J . 7.69 9.04 4.09
CAX SUE J . 8.33 3.68 11.74
CAY SUE J . 10.32 -3.05 7.65
OAZ SUE J . 7.18 3.03 7.86
CBA SUE J . 7.70 -4.14 5.11
OBB SUE J . 8.70 -4.29 6.10
CBC SUE J . 8.48 3.84 13.29
CBD SUE J . 9.65 3.11 11.13
CBE SUE J . 8.01 1.88 7.98
CBF SUE J . 9.28 1.96 8.86
CBG SUE J . 8.55 -0.55 7.42
NBH SUE J . 10.15 0.78 8.99
CBI SUE J . 9.63 3.29 9.59
CBJ SUE J . 9.04 -3.10 6.78
OBK SUE J . 5.86 6.32 -0.44
CBL SUE J . 7.23 3.95 -0.54
OBM SUE J . 7.75 8.23 1.22
CBN SUE J . 9.15 8.81 3.67
CBO SUE J . 7.78 7.36 2.03
NBP SUE J . 8.13 6.63 4.55
CBQ SUE J . 5.57 10.22 3.59
OBR SUE J . 6.08 5.91 11.26
OBT SUE J . 6.56 8.00 11.99
CBX SUE J . 6.66 3.44 5.55
CBY SUE J . 6.96 4.88 5.98
NBZ SUE J . 5.97 5.16 7.03
CCA SUE J . 5.17 3.95 7.23
CCB SUE J . 6.19 2.91 6.88
CG1 SUE J . 2.86 6.07 7.30
CG2 SUE J . 3.55 8.49 7.68
HN SUE J . 5.15 8.40 9.74
HA SUE J . 4.62 5.73 9.27
HAD SUE J . 11.46 -1.73 8.92
HAE SUE J . 7.39 -1.88 6.14
HAF SUE J . 9.11 8.39 13.35
HAFA SUE J . 8.57 7.58 14.72
HAG SUE J . 8.91 6.54 12.10
HAH SUE J . 6.63 7.04 13.70
HAK SUE J . 7.28 2.95 -2.42
HAKA SUE J . 7.90 4.51 -2.49
HAL SUE J . 8.74 2.45 -0.62
HALA SUE J . 9.35 4.02 -0.69
HAR SUE J . 1.52 7.29 9.19
HARA SUE J . 2.66 7.92 10.09
HARB SUE J . 2.47 6.34 10.04
HAS SUE J . 7.15 10.27 2.39
HAU SUE J . 10.06 5.16 13.47
HAUA SUE J . 9.02 5.32 14.64
HNAV SUE J . 7.51 5.33 2.16
HAW SUE J . 7.56 9.05 5.05
HAX SUE J . 7.60 3.06 11.55
HAXA SUE J . 8.14 4.54 11.34
HAY SUE J . 10.85 -3.80 7.73
HBA SUE J . 6.85 -3.95 5.54
HBAA SUE J . 7.94 -3.42 4.51
HBAB SUE J . 7.62 -4.97 4.60
HBC SUE J . 9.02 3.12 13.63
HBCA SUE J . 7.59 3.80 13.68
HBD SUE J . 9.72 2.16 11.35
HBDA SUE J . 10.41 3.58 11.51
HBI SUE J . 10.51 3.59 9.29
HBIA SUE J . 8.96 3.96 9.36
HBL SUE J . 6.60 3.32 -0.16
HBN SUE J . 9.42 9.26 2.84
HBNA SUE J . 9.79 8.71 4.38
HNBP SUE J . 8.86 6.43 4.95
HBQ SUE J . 5.25 9.88 4.40
HBQA SUE J . 5.03 10.77 3.06
HBX SUE J . 7.45 2.99 5.23
HBXA SUE J . 5.95 3.42 4.88
HBY SUE J . 7.87 4.89 6.31
HCA SUE J . 4.41 3.92 6.63
HCAA SUE J . 4.87 3.86 8.15
HCB SUE J . 5.88 1.99 6.81
HG1 SUE J . 2.86 5.18 7.68
HG1A SUE J . 1.95 6.32 7.05
HG1B SUE J . 3.42 6.08 6.50
HG2 SUE J . 3.75 9.15 8.36
HG2A SUE J . 4.27 8.47 7.03
HG2B SUE J . 2.72 8.73 7.24
ZN ZN K . 29.35 17.67 6.52
S SO4 L . 7.67 -8.11 2.74
O1 SO4 L . 6.95 -8.99 1.84
O2 SO4 L . 6.76 -7.59 3.76
O3 SO4 L . 8.75 -8.84 3.39
O4 SO4 L . 8.23 -6.99 1.99
S SO4 M . 3.61 -4.79 -3.48
O1 SO4 M . 2.58 -5.35 -4.36
O2 SO4 M . 3.00 -3.94 -2.47
O3 SO4 M . 4.34 -5.88 -2.82
O4 SO4 M . 4.55 -4.00 -4.28
S SO4 N . 18.57 2.92 13.09
O1 SO4 N . 18.03 1.66 13.61
O2 SO4 N . 17.52 3.64 12.37
O3 SO4 N . 19.68 2.63 12.19
O4 SO4 N . 19.05 3.74 14.19
S SO4 O . 6.37 -6.85 -8.86
O1 SO4 O . 5.08 -6.20 -8.71
O2 SO4 O . 7.15 -6.64 -7.65
O3 SO4 O . 6.18 -8.28 -9.09
O4 SO4 O . 7.09 -6.28 -9.99
#